data_4PU8
#
_entry.id   4PU8
#
_cell.length_a   53.570
_cell.length_b   71.570
_cell.length_c   85.810
_cell.angle_alpha   90.00
_cell.angle_beta   90.00
_cell.angle_gamma   90.00
#
_symmetry.space_group_name_H-M   'C 2 2 21'
#
loop_
_entity.id
_entity.type
_entity.pdbx_description
1 polymer 'Toxin-antitoxin system antidote transcriptional repressor Xre family'
2 water water
#
_entity_poly.entity_id   1
_entity_poly.type   'polypeptide(L)'
_entity_poly.pdbx_seq_one_letter_code
;MGSSHHHHHHSSGLVPRGSHMMNGTDIKAKVYEDTLLETIMASPLNQQSLGLLIKERRKSAALTQDVAAMLCGVTKKTLI
RVEKGEDVYISTVFKILDGLGIDIVSAQTSDTETNGWY
;
_entity_poly.pdbx_strand_id   B,A
#
# COMPACT_ATOMS: atom_id res chain seq x y z
N LEU A 37 26.50 -11.55 7.10
CA LEU A 37 25.27 -11.03 6.48
C LEU A 37 24.08 -11.82 7.02
N GLU A 38 23.67 -11.44 8.23
CA GLU A 38 22.64 -12.13 9.00
C GLU A 38 21.26 -12.16 8.35
N THR A 39 20.79 -13.36 8.01
CA THR A 39 19.46 -13.55 7.42
C THR A 39 18.38 -13.70 8.50
N ILE A 40 17.67 -12.62 8.79
CA ILE A 40 16.64 -12.63 9.84
C ILE A 40 15.21 -12.71 9.31
N MET A 41 14.31 -13.24 10.13
CA MET A 41 12.87 -13.27 9.82
C MET A 41 12.14 -12.04 10.37
N ALA A 42 11.96 -11.04 9.52
CA ALA A 42 11.20 -9.85 9.89
C ALA A 42 9.81 -9.98 9.27
N SER A 43 9.05 -8.88 9.20
CA SER A 43 7.70 -8.94 8.63
C SER A 43 7.36 -7.76 7.69
N PRO A 44 6.61 -8.05 6.60
CA PRO A 44 6.05 -7.07 5.66
C PRO A 44 4.85 -6.33 6.24
N LEU A 45 4.42 -5.26 5.58
CA LEU A 45 3.33 -4.47 6.10
C LEU A 45 2.03 -5.15 5.72
N ASN A 46 1.07 -5.11 6.63
CA ASN A 46 -0.30 -5.44 6.35
C ASN A 46 -1.13 -4.20 6.67
N GLN A 47 -2.45 -4.33 6.61
CA GLN A 47 -3.33 -3.18 6.80
C GLN A 47 -3.16 -2.56 8.20
N GLN A 48 -3.06 -3.39 9.23
CA GLN A 48 -2.94 -2.91 10.62
C GLN A 48 -1.59 -2.26 10.93
N SER A 49 -0.50 -2.93 10.55
CA SER A 49 0.84 -2.42 10.84
C SER A 49 1.12 -1.14 10.06
N LEU A 50 0.51 -0.98 8.89
CA LEU A 50 0.62 0.26 8.14
C LEU A 50 0.03 1.43 8.93
N GLY A 51 -1.17 1.21 9.47
CA GLY A 51 -1.80 2.18 10.33
C GLY A 51 -0.91 2.52 11.51
N LEU A 52 -0.35 1.48 12.12
CA LEU A 52 0.56 1.72 13.25
C LEU A 52 1.84 2.47 12.83
N LEU A 53 2.35 2.18 11.64
CA LEU A 53 3.50 2.91 11.09
C LEU A 53 3.18 4.40 10.96
N ILE A 54 2.03 4.67 10.35
CA ILE A 54 1.55 6.04 10.21
C ILE A 54 1.44 6.72 11.57
N LYS A 55 0.80 6.04 12.51
CA LYS A 55 0.68 6.56 13.88
C LYS A 55 2.04 6.91 14.49
N GLU A 56 2.99 5.98 14.40
CA GLU A 56 4.31 6.21 14.98
C GLU A 56 4.99 7.39 14.31
N ARG A 57 4.90 7.48 12.99
CA ARG A 57 5.51 8.61 12.29
C ARG A 57 4.85 9.94 12.65
N ARG A 58 3.52 9.96 12.78
CA ARG A 58 2.82 11.18 13.19
C ARG A 58 3.27 11.60 14.57
N LYS A 59 3.37 10.63 15.47
CA LYS A 59 3.79 10.90 16.84
C LYS A 59 5.23 11.34 16.97
N SER A 60 6.12 10.74 16.19
CA SER A 60 7.54 11.11 16.25
C SER A 60 7.75 12.51 15.70
N ALA A 61 6.82 12.97 14.87
CA ALA A 61 6.89 14.32 14.31
C ALA A 61 6.13 15.32 15.18
N ALA A 62 5.65 14.86 16.33
CA ALA A 62 4.94 15.71 17.28
C ALA A 62 3.73 16.42 16.65
N LEU A 63 2.94 15.67 15.89
CA LEU A 63 1.74 16.22 15.25
C LEU A 63 0.50 15.57 15.84
N THR A 64 -0.51 16.39 16.16
CA THR A 64 -1.80 15.88 16.56
C THR A 64 -2.54 15.34 15.34
N GLN A 65 -3.64 14.63 15.58
CA GLN A 65 -4.43 14.07 14.50
C GLN A 65 -5.03 15.17 13.62
N ASP A 66 -5.46 16.27 14.24
CA ASP A 66 -6.01 17.41 13.51
C ASP A 66 -4.99 18.02 12.56
N VAL A 67 -3.80 18.34 13.09
CA VAL A 67 -2.74 18.96 12.30
C VAL A 67 -2.31 18.05 11.16
N ALA A 68 -2.09 16.78 11.48
CA ALA A 68 -1.68 15.80 10.50
C ALA A 68 -2.76 15.66 9.42
N ALA A 69 -4.01 15.60 9.88
CA ALA A 69 -5.15 15.53 8.96
C ALA A 69 -5.14 16.75 8.03
N MET A 70 -4.88 17.93 8.58
CA MET A 70 -4.73 19.13 7.76
C MET A 70 -3.61 18.99 6.74
N LEU A 71 -2.45 18.56 7.20
CA LEU A 71 -1.29 18.39 6.33
C LEU A 71 -1.54 17.37 5.22
N CYS A 72 -2.28 16.32 5.54
CA CYS A 72 -2.48 15.23 4.58
C CYS A 72 -3.71 15.43 3.71
N GLY A 73 -4.54 16.39 4.06
CA GLY A 73 -5.73 16.69 3.28
C GLY A 73 -6.87 15.70 3.50
N VAL A 74 -7.02 15.24 4.74
CA VAL A 74 -8.11 14.33 5.10
C VAL A 74 -8.79 14.83 6.36
N THR A 75 -9.91 14.21 6.71
CA THR A 75 -10.57 14.52 7.97
C THR A 75 -9.86 13.79 9.09
N LYS A 76 -9.96 14.32 10.30
CA LYS A 76 -9.43 13.68 11.49
C LYS A 76 -9.97 12.25 11.61
N LYS A 77 -11.26 12.12 11.34
CA LYS A 77 -11.96 10.84 11.40
C LYS A 77 -11.34 9.82 10.44
N THR A 78 -11.00 10.29 9.25
CA THR A 78 -10.39 9.43 8.24
C THR A 78 -9.00 8.98 8.69
N LEU A 79 -8.19 9.92 9.16
CA LEU A 79 -6.87 9.61 9.69
C LEU A 79 -6.98 8.60 10.82
N ILE A 80 -7.95 8.83 11.71
CA ILE A 80 -8.21 7.91 12.81
C ILE A 80 -8.54 6.53 12.29
N ARG A 81 -9.41 6.47 11.28
CA ARG A 81 -9.74 5.19 10.66
C ARG A 81 -8.48 4.49 10.12
N VAL A 82 -7.66 5.24 9.40
CA VAL A 82 -6.44 4.68 8.83
C VAL A 82 -5.48 4.14 9.90
N GLU A 83 -5.23 4.94 10.94
CA GLU A 83 -4.34 4.50 12.02
C GLU A 83 -4.86 3.24 12.72
N LYS A 84 -6.17 3.04 12.66
CA LYS A 84 -6.80 1.88 13.30
C LYS A 84 -6.82 0.67 12.37
N GLY A 85 -6.39 0.86 11.14
CA GLY A 85 -6.34 -0.23 10.17
C GLY A 85 -7.69 -0.51 9.55
N GLU A 86 -8.58 0.47 9.59
CA GLU A 86 -9.90 0.32 8.99
C GLU A 86 -9.84 0.61 7.50
N ASP A 87 -10.74 -0.01 6.74
CA ASP A 87 -10.63 -0.03 5.29
C ASP A 87 -11.01 1.31 4.67
N VAL A 88 -10.13 1.82 3.81
CA VAL A 88 -10.39 3.06 3.09
C VAL A 88 -9.81 2.91 1.69
N TYR A 89 -9.99 3.93 0.86
CA TYR A 89 -9.42 3.91 -0.48
C TYR A 89 -7.91 4.14 -0.41
N ILE A 90 -7.19 3.44 -1.28
CA ILE A 90 -5.73 3.51 -1.32
C ILE A 90 -5.25 4.95 -1.51
N SER A 91 -6.03 5.73 -2.25
CA SER A 91 -5.68 7.12 -2.51
C SER A 91 -5.57 7.91 -1.21
N THR A 92 -6.49 7.63 -0.28
CA THR A 92 -6.48 8.26 1.04
C THR A 92 -5.19 7.89 1.79
N VAL A 93 -4.85 6.61 1.74
CA VAL A 93 -3.64 6.13 2.39
C VAL A 93 -2.41 6.81 1.79
N PHE A 94 -2.35 6.90 0.46
CA PHE A 94 -1.21 7.56 -0.17
C PHE A 94 -1.15 9.05 0.12
N LYS A 95 -2.31 9.70 0.22
CA LYS A 95 -2.33 11.09 0.67
C LYS A 95 -1.72 11.19 2.05
N ILE A 96 -2.12 10.30 2.95
CA ILE A 96 -1.56 10.30 4.30
C ILE A 96 -0.04 10.02 4.32
N LEU A 97 0.40 8.99 3.59
CA LEU A 97 1.82 8.66 3.51
C LEU A 97 2.62 9.82 2.94
N ASP A 98 2.11 10.41 1.87
CA ASP A 98 2.76 11.53 1.22
C ASP A 98 2.81 12.75 2.13
N GLY A 99 1.70 13.04 2.82
CA GLY A 99 1.64 14.16 3.73
C GLY A 99 2.59 14.07 4.92
N LEU A 100 2.90 12.86 5.34
CA LEU A 100 3.79 12.65 6.50
C LEU A 100 5.22 12.28 6.12
N GLY A 101 5.53 12.26 4.83
CA GLY A 101 6.87 11.96 4.38
C GLY A 101 7.27 10.51 4.63
N ILE A 102 6.29 9.61 4.60
CA ILE A 102 6.55 8.19 4.76
C ILE A 102 6.66 7.52 3.40
N ASP A 103 7.80 6.90 3.14
CA ASP A 103 8.01 6.17 1.91
C ASP A 103 7.89 4.69 2.17
N ILE A 104 7.16 4.01 1.30
CA ILE A 104 7.08 2.56 1.32
C ILE A 104 7.68 2.06 0.01
N VAL A 105 8.30 0.89 0.07
CA VAL A 105 8.95 0.33 -1.11
C VAL A 105 8.70 -1.16 -1.22
N SER A 106 9.02 -1.73 -2.38
CA SER A 106 8.95 -3.16 -2.58
C SER A 106 10.14 -3.79 -1.88
N ALA A 107 9.95 -4.98 -1.33
CA ALA A 107 11.03 -5.68 -0.64
C ALA A 107 11.76 -6.60 -1.61
N LEU B 37 10.61 -1.95 -14.10
CA LEU B 37 10.75 -2.56 -12.78
C LEU B 37 11.86 -1.93 -11.95
N GLU B 38 13.09 -2.00 -12.47
CA GLU B 38 14.25 -1.52 -11.72
C GLU B 38 14.09 -0.04 -11.44
N THR B 39 13.24 0.62 -12.21
CA THR B 39 12.95 2.03 -12.05
C THR B 39 11.84 2.22 -11.03
N ILE B 40 11.13 1.14 -10.73
CA ILE B 40 9.97 1.16 -9.84
C ILE B 40 10.33 0.66 -8.45
N MET B 41 11.23 -0.31 -8.38
CA MET B 41 11.67 -0.86 -7.10
C MET B 41 12.85 -0.08 -6.53
N ALA B 42 13.39 0.86 -7.30
CA ALA B 42 14.48 1.72 -6.85
C ALA B 42 13.94 3.09 -6.47
N SER B 43 12.61 3.18 -6.35
CA SER B 43 11.93 4.42 -6.02
C SER B 43 10.81 4.10 -5.04
N PRO B 44 10.47 5.05 -4.15
CA PRO B 44 9.30 4.74 -3.33
C PRO B 44 8.02 4.67 -4.16
N LEU B 45 7.03 3.96 -3.62
CA LEU B 45 5.83 3.64 -4.36
C LEU B 45 4.75 4.70 -4.30
N ASN B 46 4.06 4.86 -5.41
CA ASN B 46 2.79 5.57 -5.46
C ASN B 46 1.75 4.58 -6.01
N GLN B 47 0.53 5.07 -6.24
CA GLN B 47 -0.57 4.22 -6.68
C GLN B 47 -0.27 3.56 -8.04
N GLN B 48 0.21 4.37 -8.97
CA GLN B 48 0.47 3.93 -10.34
C GLN B 48 1.62 2.93 -10.39
N SER B 49 2.73 3.26 -9.74
CA SER B 49 3.89 2.40 -9.75
C SER B 49 3.60 1.10 -9.00
N LEU B 50 2.72 1.17 -8.00
CA LEU B 50 2.27 -0.03 -7.30
C LEU B 50 1.49 -0.94 -8.26
N GLY B 51 0.55 -0.35 -8.98
CA GLY B 51 -0.17 -1.09 -10.00
C GLY B 51 0.75 -1.73 -11.04
N LEU B 52 1.71 -0.94 -11.53
CA LEU B 52 2.68 -1.45 -12.49
C LEU B 52 3.58 -2.53 -11.89
N LEU B 53 3.95 -2.39 -10.62
CA LEU B 53 4.72 -3.41 -9.91
C LEU B 53 3.93 -4.72 -9.90
N ILE B 54 2.66 -4.63 -9.51
CA ILE B 54 1.78 -5.80 -9.52
C ILE B 54 1.74 -6.44 -10.91
N LYS B 55 1.50 -5.62 -11.93
CA LYS B 55 1.47 -6.10 -13.31
C LYS B 55 2.75 -6.85 -13.70
N GLU B 56 3.90 -6.22 -13.47
CA GLU B 56 5.17 -6.82 -13.86
C GLU B 56 5.47 -8.10 -13.09
N ARG B 57 5.20 -8.09 -11.79
CA ARG B 57 5.42 -9.28 -10.98
C ARG B 57 4.50 -10.39 -11.46
N ARG B 58 3.26 -10.05 -11.80
CA ARG B 58 2.34 -11.02 -12.36
C ARG B 58 2.88 -11.57 -13.69
N LYS B 59 3.41 -10.69 -14.53
CA LYS B 59 3.93 -11.14 -15.82
C LYS B 59 5.17 -12.02 -15.66
N SER B 60 6.03 -11.70 -14.69
CA SER B 60 7.24 -12.49 -14.46
C SER B 60 6.94 -13.90 -13.94
N ALA B 61 5.78 -14.08 -13.33
CA ALA B 61 5.37 -15.39 -12.84
C ALA B 61 4.57 -16.14 -13.90
N ALA B 62 4.50 -15.57 -15.10
CA ALA B 62 3.79 -16.18 -16.22
C ALA B 62 2.33 -16.46 -15.87
N LEU B 63 1.66 -15.47 -15.28
CA LEU B 63 0.26 -15.59 -14.90
C LEU B 63 -0.61 -14.67 -15.73
N THR B 64 -1.73 -15.20 -16.23
CA THR B 64 -2.74 -14.37 -16.87
C THR B 64 -3.49 -13.62 -15.79
N GLN B 65 -4.28 -12.62 -16.21
CA GLN B 65 -5.06 -11.82 -15.28
C GLN B 65 -6.12 -12.66 -14.56
N ASP B 66 -6.73 -13.60 -15.28
CA ASP B 66 -7.73 -14.49 -14.71
C ASP B 66 -7.17 -15.35 -13.59
N VAL B 67 -6.06 -16.04 -13.88
CA VAL B 67 -5.44 -16.93 -12.90
C VAL B 67 -4.96 -16.16 -11.69
N ALA B 68 -4.28 -15.04 -11.91
CA ALA B 68 -3.80 -14.22 -10.80
C ALA B 68 -4.96 -13.71 -9.96
N ALA B 69 -5.99 -13.21 -10.64
CA ALA B 69 -7.19 -12.76 -9.94
C ALA B 69 -7.75 -13.90 -9.10
N MET B 70 -7.78 -15.10 -9.67
CA MET B 70 -8.20 -16.28 -8.94
C MET B 70 -7.33 -16.54 -7.72
N LEU B 71 -6.01 -16.50 -7.90
CA LEU B 71 -5.08 -16.71 -6.80
C LEU B 71 -5.26 -15.68 -5.69
N CYS B 72 -5.59 -14.44 -6.06
CA CYS B 72 -5.67 -13.36 -5.08
C CYS B 72 -7.05 -13.21 -4.42
N GLY B 73 -8.05 -13.91 -4.95
CA GLY B 73 -9.38 -13.86 -4.39
C GLY B 73 -10.11 -12.57 -4.77
N VAL B 74 -9.87 -12.10 -5.99
CA VAL B 74 -10.55 -10.92 -6.53
C VAL B 74 -11.04 -11.22 -7.94
N THR B 75 -11.84 -10.32 -8.50
CA THR B 75 -12.24 -10.44 -9.90
C THR B 75 -11.16 -9.91 -10.81
N LYS B 76 -11.15 -10.41 -12.05
CA LYS B 76 -10.25 -9.93 -13.08
C LYS B 76 -10.36 -8.42 -13.26
N LYS B 77 -11.59 -7.93 -13.23
CA LYS B 77 -11.87 -6.50 -13.42
C LYS B 77 -11.20 -5.67 -12.32
N THR B 78 -11.24 -6.20 -11.09
CA THR B 78 -10.62 -5.53 -9.95
C THR B 78 -9.09 -5.49 -10.09
N LEU B 79 -8.50 -6.62 -10.45
CA LEU B 79 -7.07 -6.69 -10.70
C LEU B 79 -6.68 -5.70 -11.80
N ILE B 80 -7.49 -5.66 -12.86
CA ILE B 80 -7.25 -4.71 -13.95
C ILE B 80 -7.30 -3.29 -13.42
N ARG B 81 -8.30 -2.97 -12.59
CA ARG B 81 -8.35 -1.64 -11.99
C ARG B 81 -7.07 -1.32 -11.23
N VAL B 82 -6.64 -2.24 -10.37
CA VAL B 82 -5.44 -2.01 -9.57
C VAL B 82 -4.20 -1.81 -10.45
N GLU B 83 -4.01 -2.70 -11.42
CA GLU B 83 -2.85 -2.58 -12.32
C GLU B 83 -2.84 -1.27 -13.10
N LYS B 84 -4.01 -0.69 -13.31
CA LYS B 84 -4.12 0.59 -14.04
C LYS B 84 -3.99 1.79 -13.12
N GLY B 85 -3.88 1.54 -11.82
CA GLY B 85 -3.71 2.61 -10.84
C GLY B 85 -5.01 3.29 -10.48
N GLU B 86 -6.12 2.61 -10.73
CA GLU B 86 -7.44 3.15 -10.39
C GLU B 86 -7.74 2.89 -8.92
N ASP B 87 -8.54 3.75 -8.31
CA ASP B 87 -8.74 3.74 -6.87
C ASP B 87 -9.62 2.59 -6.41
N VAL B 88 -9.13 1.84 -5.42
CA VAL B 88 -9.88 0.76 -4.80
C VAL B 88 -9.57 0.75 -3.31
N TYR B 89 -10.22 -0.14 -2.57
CA TYR B 89 -9.97 -0.28 -1.13
C TYR B 89 -8.62 -0.93 -0.86
N ILE B 90 -7.96 -0.49 0.20
CA ILE B 90 -6.63 -0.98 0.56
C ILE B 90 -6.61 -2.51 0.80
N SER B 91 -7.71 -3.04 1.33
CA SER B 91 -7.80 -4.47 1.60
C SER B 91 -7.65 -5.28 0.31
N THR B 92 -8.25 -4.78 -0.76
CA THR B 92 -8.15 -5.41 -2.07
C THR B 92 -6.69 -5.43 -2.55
N VAL B 93 -6.02 -4.31 -2.38
CA VAL B 93 -4.62 -4.19 -2.77
C VAL B 93 -3.79 -5.19 -1.95
N PHE B 94 -4.05 -5.27 -0.65
CA PHE B 94 -3.29 -6.21 0.19
C PHE B 94 -3.58 -7.66 -0.18
N LYS B 95 -4.81 -7.96 -0.56
CA LYS B 95 -5.14 -9.29 -1.08
C LYS B 95 -4.35 -9.61 -2.34
N ILE B 96 -4.31 -8.65 -3.26
CA ILE B 96 -3.55 -8.85 -4.49
C ILE B 96 -2.05 -9.00 -4.20
N LEU B 97 -1.51 -8.13 -3.35
CA LEU B 97 -0.10 -8.20 -2.97
C LEU B 97 0.26 -9.52 -2.33
N ASP B 98 -0.56 -9.96 -1.38
CA ASP B 98 -0.32 -11.21 -0.70
C ASP B 98 -0.44 -12.41 -1.64
N GLY B 99 -1.46 -12.41 -2.48
CA GLY B 99 -1.66 -13.48 -3.45
C GLY B 99 -0.53 -13.64 -4.47
N LEU B 100 0.15 -12.54 -4.80
CA LEU B 100 1.23 -12.57 -5.78
C LEU B 100 2.61 -12.58 -5.13
N GLY B 101 2.65 -12.68 -3.81
CA GLY B 101 3.90 -12.76 -3.08
C GLY B 101 4.72 -11.48 -3.11
N ILE B 102 4.04 -10.35 -3.22
CA ILE B 102 4.70 -9.05 -3.18
C ILE B 102 4.65 -8.48 -1.78
N ASP B 103 5.82 -8.22 -1.21
CA ASP B 103 5.93 -7.64 0.11
C ASP B 103 6.30 -6.18 0.00
N ILE B 104 5.62 -5.33 0.78
CA ILE B 104 6.01 -3.92 0.88
C ILE B 104 6.46 -3.62 2.31
N VAL B 105 7.43 -2.72 2.43
CA VAL B 105 8.00 -2.35 3.72
C VAL B 105 8.23 -0.85 3.83
N SER B 106 8.53 -0.40 5.04
CA SER B 106 8.89 0.98 5.28
C SER B 106 10.32 1.18 4.79
N ALA B 107 10.61 2.35 4.22
CA ALA B 107 11.94 2.64 3.71
C ALA B 107 12.81 3.31 4.77
#